data_7QQI
#
_entry.id   7QQI
#
_cell.length_a   44.798
_cell.length_b   94.409
_cell.length_c   104.772
_cell.angle_alpha   90.000
_cell.angle_beta   90.000
_cell.angle_gamma   90.000
#
_symmetry.space_group_name_H-M   'P 21 21 21'
#
loop_
_entity.id
_entity.type
_entity.pdbx_description
1 polymer 'Aamy domain-containing protein'
2 non-polymer 2-AMINO-2-HYDROXYMETHYL-PROPANE-1,3-DIOL
3 water water
#
_entity_poly.entity_id   1
_entity_poly.type   'polypeptide(L)'
_entity_poly.pdbx_seq_one_letter_code
;MTKQRDNRVMLITYADSLGADLKELKTALDTWYDKAVGGVHILPFFPSGADRGFSPKTYEMVDPAFGSFADVEAIGKDRW
LMFDFMVNHISAQSEYYRDFLEKKEESDWKDFFIRYSKFWPGGAPTQEQVDAIYKRKPRAPYIEAHFADGTEDKVWCTFS
EDQIDLDVSSPKVLEFIDRTLDDMADHSASVIRLDAFAYAVKKPGGSCFFEAPEIWQLLDRIESRMQARGVEILPEIHEH
YTIPLSLADRGYWIYDFALPVLTLHALYTGNGEYLARWLKMCPKHQYTTLDTHDGLGVVDVRDLLPQEETDRVLDLLYEK
GANLNRKYSSEAYGNLDIYQVNTTYYSALGNDDARYLMARAIQFFAPGIPQVYYVGLLAGENDLELLERTRNGRDINRHG
YSLEEIEENQKRPVVQDLKWLMELRNSHPAFDLEGDLDVASEDGHLRMLRRSGDEALELDCDLVSGRFTIEDKKRGNRLW
PYRLEHHHHHH
;
_entity_poly.pdbx_strand_id   A
#
loop_
_chem_comp.id
_chem_comp.type
_chem_comp.name
_chem_comp.formula
TRS non-polymer 2-AMINO-2-HYDROXYMETHYL-PROPANE-1,3-DIOL 'C4 H12 N O3 1'
#
# COMPACT_ATOMS: atom_id res chain seq x y z
N THR A 2 -3.98 -10.23 -20.69
CA THR A 2 -3.74 -10.06 -19.24
C THR A 2 -3.05 -11.31 -18.68
N LYS A 3 -1.86 -11.17 -18.10
CA LYS A 3 -1.23 -12.23 -17.27
C LYS A 3 -2.00 -12.32 -15.96
N GLN A 4 -2.41 -13.53 -15.59
CA GLN A 4 -3.24 -13.79 -14.39
C GLN A 4 -2.38 -13.54 -13.13
N ARG A 5 -2.99 -12.93 -12.13
CA ARG A 5 -2.39 -12.79 -10.78
C ARG A 5 -1.99 -14.19 -10.31
N ASP A 6 -0.73 -14.37 -9.98
CA ASP A 6 -0.18 -15.69 -9.59
C ASP A 6 0.50 -15.55 -8.22
N ASN A 7 1.12 -16.64 -7.77
CA ASN A 7 1.65 -16.72 -6.40
C ASN A 7 3.12 -16.30 -6.39
N ARG A 8 3.41 -15.09 -6.83
CA ARG A 8 4.81 -14.60 -6.93
C ARG A 8 4.90 -13.22 -6.29
N VAL A 9 6.11 -12.88 -5.85
CA VAL A 9 6.40 -11.58 -5.20
C VAL A 9 5.98 -10.45 -6.12
N MET A 10 5.31 -9.46 -5.56
CA MET A 10 4.83 -8.28 -6.30
C MET A 10 5.66 -7.07 -5.91
N LEU A 11 6.20 -6.36 -6.90
CA LEU A 11 6.94 -5.10 -6.69
C LEU A 11 5.93 -3.96 -6.60
N ILE A 12 6.17 -3.01 -5.72
CA ILE A 12 5.47 -1.71 -5.66
C ILE A 12 6.46 -0.68 -6.16
N THR A 13 6.11 0.07 -7.22
CA THR A 13 7.03 1.09 -7.74
C THR A 13 6.23 2.22 -8.38
N TYR A 14 6.84 3.39 -8.38
CA TYR A 14 6.36 4.47 -9.26
C TYR A 14 6.81 4.13 -10.68
N ALA A 15 6.18 4.79 -11.63
CA ALA A 15 6.52 4.68 -13.06
C ALA A 15 7.90 5.32 -13.33
N ASP A 16 8.37 6.21 -12.45
CA ASP A 16 9.59 7.01 -12.67
C ASP A 16 10.56 6.89 -11.49
N SER A 17 10.50 5.81 -10.71
CA SER A 17 11.36 5.61 -9.52
C SER A 17 12.39 4.50 -9.73
N LEU A 18 12.16 3.57 -10.66
CA LEU A 18 13.18 2.56 -11.07
C LEU A 18 13.58 2.86 -12.51
N GLY A 19 14.57 3.70 -12.69
CA GLY A 19 14.77 4.39 -13.97
C GLY A 19 13.78 5.52 -14.15
N ALA A 20 13.84 6.18 -15.28
CA ALA A 20 13.27 7.52 -15.48
C ALA A 20 11.79 7.43 -15.85
N ASP A 21 11.35 6.31 -16.41
CA ASP A 21 10.00 6.17 -17.01
C ASP A 21 9.66 4.69 -17.18
N LEU A 22 8.50 4.39 -17.76
CA LEU A 22 7.97 3.03 -17.88
C LEU A 22 8.88 2.14 -18.73
N LYS A 23 9.52 2.68 -19.77
CA LYS A 23 10.45 1.88 -20.61
C LYS A 23 11.66 1.46 -19.77
N GLU A 24 12.19 2.38 -18.96
CA GLU A 24 13.38 2.07 -18.12
C GLU A 24 12.96 1.09 -17.01
N LEU A 25 11.75 1.21 -16.50
CA LEU A 25 11.23 0.27 -15.48
C LEU A 25 11.28 -1.15 -16.07
N LYS A 26 10.79 -1.34 -17.28
CA LYS A 26 10.79 -2.67 -17.93
C LYS A 26 12.24 -3.15 -18.08
N THR A 27 13.14 -2.27 -18.53
CA THR A 27 14.59 -2.60 -18.66
C THR A 27 15.12 -3.07 -17.30
N ALA A 28 14.83 -2.33 -16.24
CA ALA A 28 15.35 -2.67 -14.89
C ALA A 28 14.86 -4.06 -14.48
N LEU A 29 13.56 -4.33 -14.64
CA LEU A 29 12.97 -5.62 -14.24
C LEU A 29 13.57 -6.73 -15.09
N ASP A 30 13.64 -6.56 -16.40
CA ASP A 30 14.13 -7.64 -17.29
C ASP A 30 15.61 -7.90 -17.03
N THR A 31 16.37 -6.87 -16.65
CA THR A 31 17.85 -6.97 -16.57
C THR A 31 18.21 -7.65 -15.24
N TRP A 32 17.63 -7.20 -14.13
CA TRP A 32 18.11 -7.58 -12.77
C TRP A 32 17.08 -8.37 -11.97
N TYR A 33 15.80 -8.31 -12.30
CA TYR A 33 14.72 -8.82 -11.44
C TYR A 33 13.78 -9.75 -12.18
N ASP A 34 14.27 -10.42 -13.23
CA ASP A 34 13.37 -11.12 -14.18
C ASP A 34 12.64 -12.26 -13.47
N LYS A 35 13.31 -12.99 -12.59
CA LYS A 35 12.72 -14.15 -11.87
C LYS A 35 12.22 -13.71 -10.48
N ALA A 36 12.73 -12.59 -9.95
CA ALA A 36 12.40 -12.11 -8.59
C ALA A 36 11.01 -11.47 -8.53
N VAL A 37 10.58 -10.82 -9.63
CA VAL A 37 9.35 -9.99 -9.58
C VAL A 37 8.31 -10.63 -10.51
N GLY A 38 7.23 -11.15 -9.96
CA GLY A 38 6.17 -11.79 -10.76
C GLY A 38 5.03 -10.85 -11.07
N GLY A 39 4.87 -9.81 -10.28
CA GLY A 39 3.75 -8.86 -10.37
C GLY A 39 4.26 -7.48 -10.09
N VAL A 40 3.59 -6.47 -10.62
CA VAL A 40 3.99 -5.07 -10.43
C VAL A 40 2.75 -4.26 -10.12
N HIS A 41 2.75 -3.60 -8.98
CA HIS A 41 1.85 -2.47 -8.67
C HIS A 41 2.56 -1.22 -9.11
N ILE A 42 2.15 -0.69 -10.26
CA ILE A 42 2.66 0.63 -10.69
C ILE A 42 1.76 1.65 -10.02
N LEU A 43 2.33 2.47 -9.14
CA LEU A 43 1.58 3.50 -8.41
C LEU A 43 0.99 4.47 -9.43
N PRO A 44 -0.03 5.24 -9.03
CA PRO A 44 -0.87 5.91 -10.03
C PRO A 44 -0.03 6.66 -11.07
N PHE A 45 -0.31 6.32 -12.33
CA PHE A 45 0.52 6.71 -13.49
C PHE A 45 -0.32 7.58 -14.43
N PHE A 46 -1.48 8.03 -13.96
CA PHE A 46 -2.36 8.98 -14.72
C PHE A 46 -1.94 10.39 -14.35
N PRO A 47 -2.25 11.40 -15.20
CA PRO A 47 -1.98 12.78 -14.85
C PRO A 47 -2.64 13.08 -13.50
N SER A 48 -1.93 13.76 -12.61
CA SER A 48 -2.36 13.98 -11.21
C SER A 48 -1.97 15.37 -10.74
N GLY A 49 -2.81 15.94 -9.89
CA GLY A 49 -2.65 17.34 -9.41
C GLY A 49 -1.95 17.45 -8.07
N ALA A 50 -1.75 16.34 -7.36
CA ALA A 50 -1.22 16.33 -5.98
C ALA A 50 -0.95 14.91 -5.54
N ASP A 51 -0.21 14.79 -4.44
CA ASP A 51 -0.07 13.53 -3.68
C ASP A 51 0.50 12.43 -4.58
N ARG A 52 1.50 12.80 -5.37
CA ARG A 52 2.28 11.92 -6.27
C ARG A 52 1.39 10.81 -6.83
N GLY A 53 0.44 11.22 -7.66
CA GLY A 53 -0.40 10.30 -8.44
C GLY A 53 -1.79 10.13 -7.88
N PHE A 54 -2.01 10.39 -6.60
CA PHE A 54 -3.26 9.99 -5.92
C PHE A 54 -4.32 11.08 -6.01
N SER A 55 -4.09 12.09 -6.87
CA SER A 55 -5.12 13.08 -7.23
C SER A 55 -5.30 13.09 -8.74
N PRO A 56 -5.82 11.99 -9.32
CA PRO A 56 -5.87 11.85 -10.77
C PRO A 56 -6.80 12.90 -11.40
N LYS A 57 -6.32 13.47 -12.50
CA LYS A 57 -7.08 14.45 -13.31
C LYS A 57 -8.01 13.70 -14.26
N THR A 58 -7.60 12.51 -14.67
CA THR A 58 -8.27 11.64 -15.66
C THR A 58 -7.71 10.23 -15.55
N TYR A 59 -8.44 9.25 -16.04
CA TYR A 59 -7.94 7.88 -16.22
C TYR A 59 -7.77 7.58 -17.72
N GLU A 60 -8.00 8.57 -18.59
CA GLU A 60 -8.15 8.33 -20.04
C GLU A 60 -6.78 8.40 -20.72
N MET A 61 -5.74 8.85 -20.02
CA MET A 61 -4.36 8.86 -20.59
C MET A 61 -3.36 8.59 -19.47
N VAL A 62 -2.21 8.04 -19.87
CA VAL A 62 -1.03 7.90 -18.97
C VAL A 62 -0.39 9.28 -18.89
N ASP A 63 0.12 9.67 -17.73
CA ASP A 63 0.96 10.88 -17.57
C ASP A 63 2.06 10.77 -18.61
N PRO A 64 2.14 11.71 -19.58
CA PRO A 64 3.11 11.56 -20.66
C PRO A 64 4.58 11.62 -20.21
N ALA A 65 4.83 12.14 -19.00
CA ALA A 65 6.16 12.08 -18.36
C ALA A 65 6.62 10.63 -18.25
N PHE A 66 5.67 9.69 -18.08
CA PHE A 66 5.96 8.28 -17.76
C PHE A 66 6.00 7.40 -19.01
N GLY A 67 5.22 7.77 -20.03
CA GLY A 67 5.12 6.97 -21.25
C GLY A 67 3.68 6.86 -21.71
N SER A 68 3.34 5.69 -22.22
CA SER A 68 2.04 5.39 -22.86
C SER A 68 1.42 4.15 -22.23
N PHE A 69 0.14 3.89 -22.50
CA PHE A 69 -0.52 2.63 -22.12
C PHE A 69 0.24 1.44 -22.71
N ALA A 70 0.79 1.55 -23.92
CA ALA A 70 1.62 0.49 -24.52
C ALA A 70 2.80 0.14 -23.58
N ASP A 71 3.43 1.14 -22.96
CA ASP A 71 4.60 0.92 -22.06
C ASP A 71 4.10 0.19 -20.81
N VAL A 72 2.90 0.47 -20.33
CA VAL A 72 2.32 -0.27 -19.17
C VAL A 72 2.06 -1.71 -19.61
N GLU A 73 1.37 -1.91 -20.73
CA GLU A 73 1.01 -3.25 -21.25
C GLU A 73 2.31 -4.07 -21.48
N ALA A 74 3.41 -3.44 -21.88
CA ALA A 74 4.70 -4.11 -22.16
C ALA A 74 5.18 -4.78 -20.86
N ILE A 75 5.08 -4.10 -19.73
CA ILE A 75 5.47 -4.67 -18.41
C ILE A 75 4.52 -5.83 -18.10
N GLY A 76 3.23 -5.67 -18.41
CA GLY A 76 2.18 -6.69 -18.16
C GLY A 76 2.30 -7.94 -19.01
N LYS A 77 3.21 -8.00 -19.99
CA LYS A 77 3.36 -9.16 -20.91
C LYS A 77 3.61 -10.44 -20.10
N ASP A 78 4.55 -10.40 -19.15
CA ASP A 78 4.94 -11.58 -18.34
C ASP A 78 4.98 -11.23 -16.86
N ARG A 79 4.46 -10.07 -16.45
CA ARG A 79 4.25 -9.77 -14.99
C ARG A 79 2.82 -9.29 -14.81
N TRP A 80 2.08 -9.85 -13.86
CA TRP A 80 0.70 -9.37 -13.62
C TRP A 80 0.76 -7.96 -13.06
N LEU A 81 -0.29 -7.17 -13.27
CA LEU A 81 -0.28 -5.74 -12.95
C LEU A 81 -1.38 -5.42 -11.95
N MET A 82 -1.04 -4.55 -11.01
CA MET A 82 -2.01 -3.95 -10.08
C MET A 82 -2.05 -2.46 -10.41
N PHE A 83 -3.25 -1.95 -10.65
CA PHE A 83 -3.48 -0.51 -10.79
C PHE A 83 -4.33 0.01 -9.63
N ASP A 84 -4.17 1.30 -9.34
CA ASP A 84 -4.99 2.04 -8.35
C ASP A 84 -6.23 2.62 -9.03
N PHE A 85 -7.37 2.45 -8.41
CA PHE A 85 -8.57 3.26 -8.71
C PHE A 85 -8.91 4.08 -7.48
N MET A 86 -8.95 5.39 -7.60
CA MET A 86 -9.19 6.30 -6.47
C MET A 86 -10.71 6.44 -6.33
N VAL A 87 -11.33 5.42 -5.74
CA VAL A 87 -12.80 5.35 -5.55
C VAL A 87 -13.26 6.53 -4.68
N ASN A 88 -12.38 7.10 -3.87
CA ASN A 88 -12.77 8.12 -2.87
C ASN A 88 -12.76 9.55 -3.44
N HIS A 89 -11.95 9.86 -4.44
CA HIS A 89 -11.68 11.28 -4.79
C HIS A 89 -11.10 11.43 -6.18
N ILE A 90 -11.14 12.67 -6.65
CA ILE A 90 -10.58 13.04 -7.98
C ILE A 90 -10.00 14.45 -7.88
N SER A 91 -9.12 14.80 -8.79
CA SER A 91 -8.41 16.10 -8.75
C SER A 91 -9.41 17.26 -8.88
N ALA A 92 -9.18 18.33 -8.11
CA ALA A 92 -9.83 19.65 -8.29
C ALA A 92 -9.47 20.22 -9.66
N GLN A 93 -8.43 19.68 -10.32
CA GLN A 93 -7.97 20.15 -11.65
C GLN A 93 -8.54 19.25 -12.76
N SER A 94 -9.37 18.27 -12.40
CA SER A 94 -10.06 17.40 -13.37
C SER A 94 -11.06 18.23 -14.17
N GLU A 95 -11.39 17.76 -15.37
CA GLU A 95 -12.50 18.33 -16.17
C GLU A 95 -13.75 18.37 -15.29
N TYR A 96 -13.95 17.35 -14.48
CA TYR A 96 -15.22 17.16 -13.73
C TYR A 96 -15.37 18.28 -12.69
N TYR A 97 -14.34 18.53 -11.90
CA TYR A 97 -14.43 19.56 -10.84
C TYR A 97 -14.40 20.96 -11.44
N ARG A 98 -13.52 21.21 -12.40
CA ARG A 98 -13.43 22.53 -13.08
C ARG A 98 -14.80 22.88 -13.68
N ASP A 99 -15.44 21.92 -14.35
CA ASP A 99 -16.78 22.15 -14.98
C ASP A 99 -17.81 22.43 -13.88
N PHE A 100 -17.70 21.75 -12.74
CA PHE A 100 -18.62 21.95 -11.59
C PHE A 100 -18.44 23.38 -11.07
N LEU A 101 -17.21 23.86 -10.91
CA LEU A 101 -16.98 25.26 -10.43
C LEU A 101 -17.55 26.27 -11.42
N GLU A 102 -17.44 26.00 -12.72
CA GLU A 102 -17.89 26.95 -13.78
C GLU A 102 -19.42 26.98 -13.85
N LYS A 103 -20.06 25.81 -13.94
CA LYS A 103 -21.48 25.67 -14.34
C LYS A 103 -22.39 25.36 -13.14
N LYS A 104 -21.82 24.88 -12.04
CA LYS A 104 -22.55 24.54 -10.77
C LYS A 104 -23.71 23.60 -11.13
N GLU A 105 -24.97 24.04 -10.96
CA GLU A 105 -26.17 23.19 -11.10
C GLU A 105 -26.38 22.82 -12.58
N GLU A 106 -25.71 23.50 -13.52
CA GLU A 106 -25.81 23.18 -14.98
C GLU A 106 -24.70 22.22 -15.40
N SER A 107 -23.81 21.83 -14.48
CA SER A 107 -22.70 20.90 -14.78
C SER A 107 -23.23 19.46 -14.92
N ASP A 108 -22.75 18.71 -15.91
CA ASP A 108 -22.94 17.24 -16.01
C ASP A 108 -22.46 16.56 -14.72
N TRP A 109 -21.53 17.21 -14.00
N TRP A 109 -21.53 17.20 -13.99
CA TRP A 109 -20.86 16.63 -12.80
CA TRP A 109 -20.85 16.64 -12.80
C TRP A 109 -21.34 17.32 -11.52
C TRP A 109 -21.36 17.27 -11.51
N LYS A 110 -22.54 17.90 -11.55
CA LYS A 110 -23.19 18.59 -10.39
C LYS A 110 -23.30 17.65 -9.18
N ASP A 111 -23.42 16.34 -9.40
CA ASP A 111 -23.65 15.34 -8.33
C ASP A 111 -22.36 14.56 -8.02
N PHE A 112 -21.22 14.91 -8.60
CA PHE A 112 -19.98 14.11 -8.41
C PHE A 112 -19.35 14.38 -7.05
N PHE A 113 -19.62 15.53 -6.44
CA PHE A 113 -18.91 16.02 -5.23
C PHE A 113 -19.92 16.16 -4.10
N ILE A 114 -19.43 16.15 -2.88
CA ILE A 114 -20.31 16.22 -1.70
C ILE A 114 -20.30 17.66 -1.23
N ARG A 115 -21.38 18.38 -1.47
CA ARG A 115 -21.52 19.79 -1.08
C ARG A 115 -22.10 19.87 0.32
N TYR A 116 -21.46 20.60 1.21
CA TYR A 116 -21.91 20.70 2.62
C TYR A 116 -23.37 21.18 2.69
N SER A 117 -23.73 22.16 1.88
CA SER A 117 -25.06 22.81 1.92
C SER A 117 -26.15 21.77 1.66
N LYS A 118 -25.85 20.72 0.90
CA LYS A 118 -26.83 19.68 0.49
C LYS A 118 -26.74 18.46 1.42
N PHE A 119 -25.54 18.07 1.81
CA PHE A 119 -25.26 16.81 2.53
C PHE A 119 -25.77 16.90 3.98
N TRP A 120 -25.54 18.03 4.66
CA TRP A 120 -25.83 18.22 6.10
C TRP A 120 -27.25 18.71 6.30
N PRO A 121 -28.03 18.03 7.19
CA PRO A 121 -29.28 18.62 7.67
C PRO A 121 -29.03 20.07 8.11
N GLY A 122 -29.89 21.00 7.68
CA GLY A 122 -29.77 22.43 7.99
C GLY A 122 -28.75 23.17 7.13
N GLY A 123 -27.92 22.46 6.35
CA GLY A 123 -26.95 23.06 5.42
C GLY A 123 -25.55 23.18 5.99
N ALA A 124 -25.31 22.67 7.20
CA ALA A 124 -23.98 22.70 7.84
C ALA A 124 -23.93 21.64 8.93
N PRO A 125 -22.76 21.04 9.22
CA PRO A 125 -22.68 20.10 10.32
C PRO A 125 -22.77 20.85 11.66
N THR A 126 -23.30 20.17 12.68
CA THR A 126 -23.15 20.59 14.09
C THR A 126 -21.70 20.29 14.50
N GLN A 127 -21.22 20.84 15.62
CA GLN A 127 -19.87 20.51 16.12
C GLN A 127 -19.81 19.02 16.45
N GLU A 128 -20.88 18.46 17.02
CA GLU A 128 -20.94 17.01 17.31
C GLU A 128 -20.62 16.22 16.02
N GLN A 129 -21.25 16.60 14.91
CA GLN A 129 -21.11 15.89 13.62
C GLN A 129 -19.68 16.07 13.10
N VAL A 130 -19.14 17.29 13.20
CA VAL A 130 -17.72 17.57 12.82
C VAL A 130 -16.81 16.62 13.62
N ASP A 131 -17.02 16.59 14.94
CA ASP A 131 -16.15 15.85 15.88
C ASP A 131 -16.22 14.34 15.60
N ALA A 132 -17.31 13.85 15.01
CA ALA A 132 -17.53 12.40 14.79
C ALA A 132 -16.69 11.90 13.62
N ILE A 133 -16.36 12.77 12.65
CA ILE A 133 -15.65 12.35 11.40
C ILE A 133 -14.25 11.85 11.75
N TYR A 134 -13.89 10.66 11.25
CA TYR A 134 -12.55 10.07 11.37
C TYR A 134 -11.52 10.90 10.61
N LYS A 135 -10.44 11.32 11.28
CA LYS A 135 -9.39 12.27 10.82
C LYS A 135 -8.00 11.67 11.06
N ARG A 136 -7.03 11.91 10.17
CA ARG A 136 -5.60 11.53 10.37
C ARG A 136 -4.69 12.76 10.33
N LYS A 137 -5.28 13.95 10.21
CA LYS A 137 -4.55 15.25 10.27
C LYS A 137 -5.52 16.30 10.78
N PRO A 138 -5.00 17.40 11.38
CA PRO A 138 -5.86 18.40 12.03
C PRO A 138 -6.78 19.20 11.10
N ARG A 139 -6.34 19.45 9.86
CA ARG A 139 -7.12 20.33 8.92
C ARG A 139 -8.54 19.77 8.79
N ALA A 140 -9.53 20.66 8.73
CA ALA A 140 -10.95 20.29 8.54
C ALA A 140 -11.09 19.51 7.23
N PRO A 141 -11.99 18.50 7.16
CA PRO A 141 -12.16 17.67 5.96
C PRO A 141 -13.06 18.27 4.88
N TYR A 142 -12.79 19.51 4.51
CA TYR A 142 -13.45 20.20 3.38
C TYR A 142 -12.51 21.26 2.84
N ILE A 143 -12.84 21.75 1.65
CA ILE A 143 -12.29 23.02 1.12
C ILE A 143 -13.47 23.86 0.66
N GLU A 144 -13.25 25.15 0.55
CA GLU A 144 -14.23 26.06 -0.07
C GLU A 144 -14.28 25.82 -1.58
N ALA A 145 -15.50 25.83 -2.11
CA ALA A 145 -15.77 25.86 -3.56
C ALA A 145 -16.32 27.24 -3.90
N HIS A 146 -15.63 27.96 -4.78
CA HIS A 146 -16.04 29.30 -5.27
C HIS A 146 -16.50 29.16 -6.73
N PHE A 147 -17.80 29.28 -6.95
CA PHE A 147 -18.42 29.08 -8.29
C PHE A 147 -18.26 30.34 -9.13
N ALA A 148 -18.22 30.17 -10.44
CA ALA A 148 -18.04 31.28 -11.40
C ALA A 148 -19.17 32.32 -11.22
N ASP A 149 -20.35 31.91 -10.73
CA ASP A 149 -21.53 32.79 -10.56
C ASP A 149 -21.38 33.68 -9.32
N GLY A 150 -20.30 33.52 -8.53
CA GLY A 150 -20.01 34.37 -7.36
C GLY A 150 -20.44 33.71 -6.06
N THR A 151 -21.14 32.58 -6.11
CA THR A 151 -21.65 31.85 -4.91
C THR A 151 -20.56 30.92 -4.39
N GLU A 152 -20.73 30.41 -3.16
CA GLU A 152 -19.73 29.47 -2.61
C GLU A 152 -20.43 28.35 -1.84
N ASP A 153 -19.68 27.29 -1.61
CA ASP A 153 -20.08 26.13 -0.77
C ASP A 153 -18.80 25.56 -0.21
N LYS A 154 -18.93 24.47 0.54
CA LYS A 154 -17.80 23.65 0.99
C LYS A 154 -17.99 22.28 0.37
N VAL A 155 -16.90 21.67 -0.09
CA VAL A 155 -16.98 20.29 -0.64
C VAL A 155 -16.11 19.40 0.24
N TRP A 156 -16.56 18.18 0.39
CA TRP A 156 -15.86 17.18 1.22
C TRP A 156 -14.47 16.97 0.64
N CYS A 157 -13.46 16.99 1.52
CA CYS A 157 -12.05 16.86 1.14
C CYS A 157 -11.32 16.08 2.23
N THR A 158 -11.14 14.79 2.04
CA THR A 158 -10.49 13.94 3.09
C THR A 158 -9.01 14.23 3.14
N PHE A 159 -8.35 14.34 1.98
CA PHE A 159 -6.88 14.30 1.87
C PHE A 159 -6.35 15.70 1.59
N SER A 160 -5.54 15.87 0.55
CA SER A 160 -4.97 17.18 0.20
C SER A 160 -6.08 18.07 -0.38
N GLU A 161 -5.84 19.37 -0.41
CA GLU A 161 -6.80 20.35 -0.97
C GLU A 161 -7.12 20.04 -2.44
N ASP A 162 -6.27 19.29 -3.16
CA ASP A 162 -6.52 18.96 -4.59
C ASP A 162 -7.43 17.74 -4.72
N GLN A 163 -7.57 16.92 -3.67
CA GLN A 163 -8.32 15.64 -3.76
C GLN A 163 -9.75 15.87 -3.27
N ILE A 164 -10.67 16.02 -4.23
CA ILE A 164 -12.09 16.32 -3.90
C ILE A 164 -12.84 15.00 -3.84
N ASP A 165 -13.53 14.73 -2.74
CA ASP A 165 -14.16 13.40 -2.55
C ASP A 165 -15.33 13.25 -3.55
N LEU A 166 -15.49 12.05 -4.09
CA LEU A 166 -16.63 11.66 -4.94
C LEU A 166 -17.83 11.32 -4.08
N ASP A 167 -19.03 11.57 -4.57
CA ASP A 167 -20.28 11.12 -3.94
C ASP A 167 -20.66 9.77 -4.53
N VAL A 168 -20.31 8.66 -3.87
CA VAL A 168 -20.55 7.30 -4.42
C VAL A 168 -22.05 6.96 -4.39
N SER A 169 -22.86 7.77 -3.70
CA SER A 169 -24.35 7.59 -3.68
C SER A 169 -24.96 8.10 -5.00
N SER A 170 -24.22 8.89 -5.77
CA SER A 170 -24.75 9.45 -7.05
C SER A 170 -24.70 8.40 -8.15
N PRO A 171 -25.84 8.09 -8.81
CA PRO A 171 -25.82 7.17 -9.95
C PRO A 171 -24.77 7.49 -11.03
N LYS A 172 -24.54 8.77 -11.33
CA LYS A 172 -23.54 9.18 -12.34
C LYS A 172 -22.14 8.81 -11.85
N VAL A 173 -21.89 8.86 -10.55
CA VAL A 173 -20.55 8.48 -10.00
C VAL A 173 -20.40 6.96 -10.11
N LEU A 174 -21.45 6.19 -9.81
CA LEU A 174 -21.40 4.72 -9.94
C LEU A 174 -21.17 4.35 -11.41
N GLU A 175 -21.76 5.07 -12.36
CA GLU A 175 -21.51 4.86 -13.81
C GLU A 175 -20.02 5.12 -14.11
N PHE A 176 -19.43 6.17 -13.52
CA PHE A 176 -18.02 6.56 -13.73
C PHE A 176 -17.10 5.46 -13.17
N ILE A 177 -17.43 4.97 -11.99
CA ILE A 177 -16.68 3.87 -11.34
C ILE A 177 -16.70 2.66 -12.28
N ASP A 178 -17.89 2.25 -12.72
CA ASP A 178 -18.05 1.05 -13.58
C ASP A 178 -17.22 1.23 -14.85
N ARG A 179 -17.34 2.39 -15.50
CA ARG A 179 -16.65 2.67 -16.79
C ARG A 179 -15.14 2.64 -16.57
N THR A 180 -14.65 3.26 -15.49
CA THR A 180 -13.20 3.39 -15.24
C THR A 180 -12.60 2.00 -14.95
N LEU A 181 -13.30 1.18 -14.17
CA LEU A 181 -12.83 -0.19 -13.85
C LEU A 181 -12.82 -1.03 -15.14
N ASP A 182 -13.84 -0.91 -15.98
CA ASP A 182 -13.89 -1.62 -17.28
C ASP A 182 -12.67 -1.25 -18.12
N ASP A 183 -12.33 0.04 -18.18
CA ASP A 183 -11.19 0.56 -18.97
C ASP A 183 -9.89 -0.01 -18.40
N MET A 184 -9.77 -0.07 -17.06
CA MET A 184 -8.55 -0.65 -16.41
C MET A 184 -8.43 -2.11 -16.79
N ALA A 185 -9.53 -2.86 -16.76
CA ALA A 185 -9.54 -4.29 -17.15
C ALA A 185 -9.11 -4.43 -18.62
N ASP A 186 -9.53 -3.49 -19.47
CA ASP A 186 -9.15 -3.52 -20.90
C ASP A 186 -7.65 -3.25 -21.06
N HIS A 187 -7.03 -2.51 -20.13
CA HIS A 187 -5.59 -2.17 -20.17
C HIS A 187 -4.77 -3.17 -19.34
N SER A 188 -5.20 -4.43 -19.21
CA SER A 188 -4.43 -5.57 -18.66
C SER A 188 -4.24 -5.50 -17.14
N ALA A 189 -5.08 -4.79 -16.41
CA ALA A 189 -5.06 -4.88 -14.92
C ALA A 189 -5.40 -6.32 -14.51
N SER A 190 -4.63 -6.90 -13.59
CA SER A 190 -4.96 -8.20 -12.97
C SER A 190 -5.63 -7.97 -11.62
N VAL A 191 -5.23 -6.90 -10.95
CA VAL A 191 -5.79 -6.49 -9.63
C VAL A 191 -6.01 -4.99 -9.67
N ILE A 192 -7.13 -4.55 -9.12
CA ILE A 192 -7.37 -3.10 -8.91
C ILE A 192 -7.38 -2.84 -7.42
N ARG A 193 -6.48 -1.97 -7.00
CA ARG A 193 -6.39 -1.49 -5.61
C ARG A 193 -7.39 -0.36 -5.42
N LEU A 194 -8.29 -0.49 -4.46
CA LEU A 194 -9.30 0.55 -4.15
C LEU A 194 -8.69 1.47 -3.10
N ASP A 195 -8.04 2.52 -3.57
CA ASP A 195 -7.37 3.50 -2.71
C ASP A 195 -8.39 4.10 -1.73
N ALA A 196 -8.00 4.26 -0.47
CA ALA A 196 -8.79 4.98 0.56
C ALA A 196 -10.19 4.41 0.65
N PHE A 197 -10.34 3.09 0.47
CA PHE A 197 -11.67 2.45 0.31
C PHE A 197 -12.58 2.78 1.50
N ALA A 198 -12.07 2.72 2.73
CA ALA A 198 -12.92 2.86 3.92
C ALA A 198 -13.50 4.27 4.03
N TYR A 199 -12.95 5.23 3.31
CA TYR A 199 -13.45 6.64 3.38
C TYR A 199 -14.64 6.86 2.44
N ALA A 200 -14.98 5.89 1.59
CA ALA A 200 -15.85 6.15 0.42
C ALA A 200 -17.28 6.52 0.84
N VAL A 201 -17.80 5.99 1.94
CA VAL A 201 -19.21 6.23 2.34
C VAL A 201 -19.26 7.25 3.47
N LYS A 202 -19.96 8.36 3.24
CA LYS A 202 -20.17 9.42 4.25
C LYS A 202 -21.60 9.33 4.76
N LYS A 203 -21.78 9.49 6.06
CA LYS A 203 -23.11 9.56 6.72
C LYS A 203 -23.09 10.68 7.74
N PRO A 204 -24.10 11.57 7.73
CA PRO A 204 -24.14 12.67 8.68
C PRO A 204 -24.17 12.08 10.08
N GLY A 205 -23.22 12.51 10.92
CA GLY A 205 -23.13 12.05 12.32
C GLY A 205 -22.31 10.79 12.45
N GLY A 206 -21.95 10.16 11.33
CA GLY A 206 -21.08 8.96 11.35
C GLY A 206 -19.61 9.30 11.37
N SER A 207 -18.77 8.31 11.66
CA SER A 207 -17.30 8.41 11.53
C SER A 207 -16.93 8.65 10.07
N CYS A 208 -17.77 8.20 9.14
CA CYS A 208 -17.49 8.18 7.69
C CYS A 208 -16.25 7.32 7.41
N PHE A 209 -16.04 6.30 8.24
CA PHE A 209 -14.96 5.31 8.05
C PHE A 209 -15.57 3.91 8.11
N PHE A 210 -15.50 3.19 6.99
CA PHE A 210 -16.07 1.84 6.81
C PHE A 210 -17.53 1.81 7.29
N GLU A 211 -18.35 2.70 6.75
CA GLU A 211 -19.80 2.83 7.11
C GLU A 211 -20.59 1.67 6.51
N ALA A 212 -21.05 0.75 7.35
CA ALA A 212 -21.83 -0.45 6.96
C ALA A 212 -23.31 -0.14 7.08
N PRO A 213 -24.21 -0.78 6.29
CA PRO A 213 -23.84 -1.78 5.28
C PRO A 213 -23.40 -1.21 3.93
N GLU A 214 -23.49 0.11 3.74
CA GLU A 214 -23.24 0.75 2.42
C GLU A 214 -21.84 0.41 1.93
N ILE A 215 -20.84 0.39 2.81
CA ILE A 215 -19.44 0.14 2.36
C ILE A 215 -19.35 -1.27 1.77
N TRP A 216 -20.09 -2.23 2.33
CA TRP A 216 -20.10 -3.63 1.83
C TRP A 216 -20.80 -3.71 0.48
N GLN A 217 -21.87 -2.94 0.30
CA GLN A 217 -22.66 -2.93 -0.96
C GLN A 217 -21.78 -2.34 -2.07
N LEU A 218 -21.01 -1.30 -1.79
CA LEU A 218 -20.09 -0.70 -2.78
C LEU A 218 -18.99 -1.71 -3.13
N LEU A 219 -18.42 -2.36 -2.12
CA LEU A 219 -17.35 -3.36 -2.34
C LEU A 219 -17.89 -4.48 -3.23
N ASP A 220 -19.09 -4.98 -2.95
CA ASP A 220 -19.68 -6.10 -3.70
C ASP A 220 -19.95 -5.66 -5.14
N ARG A 221 -20.43 -4.43 -5.32
CA ARG A 221 -20.67 -3.90 -6.69
C ARG A 221 -19.37 -3.97 -7.49
N ILE A 222 -18.28 -3.48 -6.91
CA ILE A 222 -16.98 -3.37 -7.61
C ILE A 222 -16.39 -4.77 -7.80
N GLU A 223 -16.36 -5.57 -6.73
CA GLU A 223 -15.74 -6.93 -6.80
C GLU A 223 -16.48 -7.76 -7.85
N SER A 224 -17.83 -7.71 -7.86
CA SER A 224 -18.69 -8.54 -8.74
C SER A 224 -18.38 -8.18 -10.19
N ARG A 225 -18.30 -6.88 -10.46
CA ARG A 225 -18.08 -6.39 -11.85
C ARG A 225 -16.70 -6.86 -12.31
N MET A 226 -15.69 -6.77 -11.44
CA MET A 226 -14.31 -7.11 -11.85
C MET A 226 -14.14 -8.63 -11.89
N GLN A 227 -14.83 -9.38 -11.02
CA GLN A 227 -14.79 -10.87 -11.05
C GLN A 227 -15.23 -11.33 -12.45
N ALA A 228 -16.24 -10.68 -13.04
CA ALA A 228 -16.77 -11.06 -14.37
C ALA A 228 -15.72 -10.80 -15.45
N ARG A 229 -14.73 -9.96 -15.18
CA ARG A 229 -13.60 -9.65 -16.10
C ARG A 229 -12.34 -10.43 -15.72
N GLY A 230 -12.38 -11.30 -14.70
CA GLY A 230 -11.20 -12.04 -14.24
C GLY A 230 -10.19 -11.13 -13.54
N VAL A 231 -10.68 -10.05 -12.94
CA VAL A 231 -9.85 -9.03 -12.26
C VAL A 231 -10.16 -9.11 -10.76
N GLU A 232 -9.12 -9.10 -9.94
CA GLU A 232 -9.27 -9.13 -8.46
C GLU A 232 -9.28 -7.70 -7.94
N ILE A 233 -9.79 -7.50 -6.73
CA ILE A 233 -9.80 -6.16 -6.10
C ILE A 233 -9.14 -6.24 -4.73
N LEU A 234 -8.47 -5.16 -4.37
CA LEU A 234 -7.73 -5.07 -3.08
C LEU A 234 -8.06 -3.74 -2.43
N PRO A 235 -8.91 -3.70 -1.39
CA PRO A 235 -9.21 -2.44 -0.71
C PRO A 235 -8.05 -2.00 0.19
N GLU A 236 -7.61 -0.76 0.08
CA GLU A 236 -6.61 -0.17 1.01
C GLU A 236 -7.36 0.29 2.26
N ILE A 237 -7.11 -0.35 3.39
CA ILE A 237 -7.69 0.03 4.70
C ILE A 237 -6.57 -0.07 5.73
N HIS A 238 -6.27 1.04 6.40
CA HIS A 238 -5.29 1.13 7.50
C HIS A 238 -6.08 1.36 8.77
N GLU A 239 -6.30 0.33 9.55
CA GLU A 239 -6.94 0.53 10.87
C GLU A 239 -6.91 -0.78 11.62
N HIS A 240 -7.68 -0.84 12.70
CA HIS A 240 -7.76 -2.00 13.61
C HIS A 240 -7.92 -3.29 12.79
N TYR A 241 -7.19 -4.33 13.15
CA TYR A 241 -7.09 -5.60 12.38
C TYR A 241 -8.47 -6.21 12.19
N THR A 242 -9.43 -5.93 13.07
CA THR A 242 -10.77 -6.57 12.98
C THR A 242 -11.43 -6.17 11.64
N ILE A 243 -11.11 -4.98 11.10
CA ILE A 243 -11.71 -4.54 9.81
C ILE A 243 -11.18 -5.44 8.68
N PRO A 244 -9.87 -5.49 8.37
CA PRO A 244 -9.39 -6.38 7.32
C PRO A 244 -9.76 -7.84 7.58
N LEU A 245 -9.71 -8.32 8.82
CA LEU A 245 -10.07 -9.75 9.04
C LEU A 245 -11.58 -9.96 8.77
N SER A 246 -12.41 -8.94 8.92
CA SER A 246 -13.86 -9.06 8.60
C SER A 246 -14.02 -9.13 7.07
N LEU A 247 -13.16 -8.46 6.30
CA LEU A 247 -13.18 -8.60 4.82
C LEU A 247 -12.75 -10.01 4.43
N ALA A 248 -11.69 -10.53 5.06
CA ALA A 248 -11.17 -11.88 4.73
C ALA A 248 -12.26 -12.93 5.01
N ASP A 249 -13.06 -12.71 6.06
CA ASP A 249 -14.14 -13.65 6.45
C ASP A 249 -15.23 -13.69 5.40
N ARG A 250 -15.29 -12.72 4.48
CA ARG A 250 -16.33 -12.68 3.43
C ARG A 250 -15.71 -12.89 2.04
N GLY A 251 -14.46 -13.34 1.97
CA GLY A 251 -13.84 -13.78 0.71
C GLY A 251 -13.25 -12.64 -0.09
N TYR A 252 -12.82 -11.57 0.58
CA TYR A 252 -12.10 -10.45 -0.08
C TYR A 252 -10.61 -10.50 0.26
N TRP A 253 -9.77 -10.22 -0.73
CA TRP A 253 -8.33 -9.97 -0.57
C TRP A 253 -8.15 -8.78 0.38
N ILE A 254 -7.11 -8.85 1.20
CA ILE A 254 -6.76 -7.76 2.15
C ILE A 254 -5.27 -7.51 2.10
N TYR A 255 -4.89 -6.32 2.57
CA TYR A 255 -3.51 -5.98 2.95
C TYR A 255 -3.28 -6.36 4.41
N ASP A 256 -2.07 -6.85 4.67
CA ASP A 256 -1.49 -6.91 6.03
C ASP A 256 -0.62 -5.67 6.22
N PHE A 257 -1.10 -4.70 6.99
CA PHE A 257 -0.36 -3.46 7.35
C PHE A 257 0.13 -3.50 8.80
N ALA A 258 -0.08 -4.61 9.50
CA ALA A 258 0.40 -4.80 10.89
C ALA A 258 1.79 -5.43 10.89
N LEU A 259 2.08 -6.30 9.93
CA LEU A 259 3.39 -6.97 9.85
C LEU A 259 4.55 -5.98 9.99
N PRO A 260 4.56 -4.79 9.35
CA PRO A 260 5.75 -3.95 9.39
C PRO A 260 6.24 -3.66 10.83
N VAL A 261 5.35 -3.13 11.65
CA VAL A 261 5.72 -2.67 13.02
C VAL A 261 5.83 -3.90 13.92
N LEU A 262 5.02 -4.93 13.72
CA LEU A 262 5.20 -6.16 14.55
C LEU A 262 6.58 -6.74 14.31
N THR A 263 7.05 -6.74 13.07
CA THR A 263 8.36 -7.31 12.69
C THR A 263 9.47 -6.43 13.26
N LEU A 264 9.33 -5.10 13.18
CA LEU A 264 10.36 -4.20 13.75
C LEU A 264 10.47 -4.48 15.25
N HIS A 265 9.34 -4.57 15.92
CA HIS A 265 9.33 -4.76 17.38
C HIS A 265 10.02 -6.10 17.68
N ALA A 266 9.68 -7.17 16.99
CA ALA A 266 10.27 -8.51 17.19
C ALA A 266 11.79 -8.44 17.01
N LEU A 267 12.29 -7.75 15.98
CA LEU A 267 13.73 -7.70 15.67
C LEU A 267 14.47 -6.80 16.66
N TYR A 268 13.84 -5.74 17.17
CA TYR A 268 14.49 -4.86 18.17
C TYR A 268 14.49 -5.48 19.58
N THR A 269 13.52 -6.32 19.90
CA THR A 269 13.33 -6.84 21.29
C THR A 269 13.72 -8.31 21.40
N GLY A 270 13.85 -9.06 20.32
CA GLY A 270 14.09 -10.52 20.38
C GLY A 270 12.85 -11.29 20.79
N ASN A 271 11.69 -10.63 20.87
CA ASN A 271 10.42 -11.25 21.31
C ASN A 271 9.50 -11.52 20.11
N GLY A 272 9.22 -12.79 19.79
CA GLY A 272 8.38 -13.15 18.62
C GLY A 272 6.93 -13.41 18.98
N GLU A 273 6.50 -13.19 20.23
CA GLU A 273 5.17 -13.68 20.65
C GLU A 273 4.04 -12.93 19.94
N TYR A 274 4.16 -11.63 19.75
CA TYR A 274 3.09 -10.79 19.15
C TYR A 274 3.02 -11.08 17.65
N LEU A 275 4.18 -11.24 17.05
CA LEU A 275 4.28 -11.56 15.60
C LEU A 275 3.70 -12.96 15.36
N ALA A 276 4.01 -13.95 16.19
CA ALA A 276 3.46 -15.31 16.08
C ALA A 276 1.93 -15.28 16.19
N ARG A 277 1.37 -14.57 17.17
CA ARG A 277 -0.10 -14.50 17.36
C ARG A 277 -0.70 -13.93 16.06
N TRP A 278 -0.10 -12.88 15.53
CA TRP A 278 -0.60 -12.23 14.29
C TRP A 278 -0.55 -13.23 13.13
N LEU A 279 0.59 -13.85 12.90
CA LEU A 279 0.76 -14.76 11.75
C LEU A 279 -0.31 -15.83 11.78
N LYS A 280 -0.66 -16.35 12.95
CA LYS A 280 -1.64 -17.44 13.07
C LYS A 280 -3.05 -16.97 12.72
N MET A 281 -3.38 -15.71 12.92
CA MET A 281 -4.78 -15.24 12.67
C MET A 281 -4.96 -14.72 11.22
N CYS A 282 -3.89 -14.63 10.45
CA CYS A 282 -3.93 -14.06 9.07
C CYS A 282 -4.52 -15.08 8.12
N PRO A 283 -5.27 -14.60 7.11
CA PRO A 283 -5.81 -15.49 6.09
C PRO A 283 -4.76 -15.76 5.00
N LYS A 284 -5.03 -16.71 4.13
CA LYS A 284 -4.09 -17.09 3.04
C LYS A 284 -4.19 -16.07 1.92
N HIS A 285 -5.37 -15.50 1.69
CA HIS A 285 -5.58 -14.55 0.58
C HIS A 285 -5.35 -13.14 1.11
N GLN A 286 -4.10 -12.80 1.29
CA GLN A 286 -3.68 -11.46 1.74
C GLN A 286 -2.41 -11.08 0.99
N TYR A 287 -2.13 -9.79 1.00
CA TYR A 287 -0.83 -9.25 0.57
C TYR A 287 -0.13 -8.70 1.79
N THR A 288 1.09 -9.18 2.01
CA THR A 288 1.88 -8.69 3.13
C THR A 288 2.74 -7.52 2.70
N THR A 289 3.00 -6.63 3.65
CA THR A 289 3.91 -5.48 3.45
C THR A 289 4.90 -5.39 4.61
N LEU A 290 6.07 -4.86 4.31
CA LEU A 290 6.98 -4.24 5.29
C LEU A 290 7.02 -2.74 4.99
N ASP A 291 7.49 -2.39 3.80
CA ASP A 291 7.40 -1.02 3.25
C ASP A 291 6.31 -0.93 2.18
N THR A 292 5.71 0.25 2.14
CA THR A 292 4.92 0.71 0.99
C THR A 292 5.47 2.08 0.61
N HIS A 293 4.72 2.76 -0.26
CA HIS A 293 5.04 4.14 -0.66
C HIS A 293 4.67 5.15 0.42
N ASP A 294 3.90 4.73 1.44
CA ASP A 294 3.56 5.60 2.58
C ASP A 294 4.50 5.25 3.75
N GLY A 295 4.23 5.84 4.91
CA GLY A 295 4.99 5.55 6.15
C GLY A 295 4.49 4.28 6.81
N LEU A 296 5.14 3.92 7.92
CA LEU A 296 4.75 2.72 8.70
C LEU A 296 3.48 3.03 9.47
N GLY A 297 2.53 2.11 9.44
CA GLY A 297 1.27 2.15 10.21
C GLY A 297 1.47 1.80 11.67
N VAL A 298 0.97 2.65 12.57
CA VAL A 298 1.03 2.44 14.03
C VAL A 298 -0.37 2.05 14.55
N VAL A 299 -1.45 2.74 14.14
CA VAL A 299 -2.84 2.32 14.52
C VAL A 299 -3.08 0.87 14.08
N ASP A 300 -2.39 0.40 13.05
CA ASP A 300 -2.58 -0.93 12.45
C ASP A 300 -2.19 -2.04 13.43
N VAL A 301 -1.37 -1.75 14.44
CA VAL A 301 -0.97 -2.78 15.44
C VAL A 301 -1.75 -2.62 16.74
N ARG A 302 -2.78 -1.78 16.81
CA ARG A 302 -3.58 -1.68 18.06
C ARG A 302 -4.14 -3.06 18.42
N ASP A 303 -3.99 -3.47 19.68
CA ASP A 303 -4.50 -4.75 20.24
C ASP A 303 -3.73 -5.96 19.67
N LEU A 304 -2.71 -5.73 18.84
CA LEU A 304 -1.76 -6.80 18.42
C LEU A 304 -0.44 -6.62 19.16
N LEU A 305 -0.04 -5.38 19.41
CA LEU A 305 1.16 -5.04 20.21
C LEU A 305 0.68 -4.19 21.37
N PRO A 306 1.03 -4.52 22.64
CA PRO A 306 0.62 -3.69 23.77
C PRO A 306 1.11 -2.24 23.61
N GLN A 307 0.36 -1.29 24.15
CA GLN A 307 0.69 0.15 24.01
C GLN A 307 2.13 0.39 24.48
N GLU A 308 2.53 -0.19 25.62
CA GLU A 308 3.90 -0.01 26.18
C GLU A 308 4.93 -0.44 25.13
N GLU A 309 4.68 -1.56 24.45
CA GLU A 309 5.63 -2.13 23.47
C GLU A 309 5.60 -1.29 22.18
N THR A 310 4.43 -0.76 21.82
CA THR A 310 4.31 0.16 20.66
C THR A 310 5.17 1.40 20.95
N ASP A 311 5.00 2.03 22.11
CA ASP A 311 5.77 3.24 22.49
C ASP A 311 7.25 2.89 22.47
N ARG A 312 7.61 1.71 22.99
CA ARG A 312 9.01 1.26 23.08
C ARG A 312 9.62 1.14 21.66
N VAL A 313 8.93 0.47 20.74
CA VAL A 313 9.53 0.26 19.38
C VAL A 313 9.62 1.61 18.65
N LEU A 314 8.67 2.52 18.84
CA LEU A 314 8.73 3.86 18.20
C LEU A 314 9.99 4.57 18.73
N ASP A 315 10.21 4.53 20.04
CA ASP A 315 11.42 5.16 20.62
C ASP A 315 12.66 4.54 19.99
N LEU A 316 12.68 3.21 19.82
CA LEU A 316 13.86 2.51 19.22
C LEU A 316 14.06 2.91 17.76
N LEU A 317 12.98 3.07 16.98
CA LEU A 317 13.12 3.50 15.56
C LEU A 317 13.82 4.86 15.53
N TYR A 318 13.36 5.80 16.36
CA TYR A 318 13.89 7.17 16.34
C TYR A 318 15.31 7.19 16.89
N GLU A 319 15.61 6.40 17.93
CA GLU A 319 16.94 6.37 18.59
C GLU A 319 17.94 5.54 17.76
N LYS A 320 17.55 4.35 17.33
CA LYS A 320 18.50 3.35 16.75
C LYS A 320 18.38 3.28 15.22
N GLY A 321 17.27 3.72 14.64
CA GLY A 321 17.14 3.75 13.18
C GLY A 321 18.08 4.79 12.59
N ALA A 322 18.32 4.70 11.27
CA ALA A 322 19.24 5.61 10.56
C ALA A 322 18.45 6.83 10.05
N ASN A 323 18.62 7.98 10.71
CA ASN A 323 18.17 9.30 10.18
C ASN A 323 16.65 9.44 10.19
N LEU A 324 15.96 8.83 11.15
CA LEU A 324 14.54 9.17 11.40
C LEU A 324 14.49 10.46 12.22
N ASN A 325 13.38 11.17 12.13
CA ASN A 325 13.13 12.37 12.96
C ASN A 325 11.62 12.54 13.08
N ARG A 326 11.12 12.64 14.31
CA ARG A 326 9.68 12.79 14.59
C ARG A 326 9.09 13.94 13.75
N LYS A 327 9.88 14.98 13.49
CA LYS A 327 9.40 16.19 12.75
C LYS A 327 8.91 15.78 11.36
N TYR A 328 9.44 14.70 10.80
CA TYR A 328 9.13 14.31 9.41
C TYR A 328 7.69 13.80 9.29
N SER A 329 7.01 13.49 10.40
CA SER A 329 5.58 13.07 10.39
C SER A 329 4.65 14.24 10.72
N SER A 330 5.21 15.44 10.92
CA SER A 330 4.47 16.64 11.39
C SER A 330 3.81 17.36 10.20
N GLU A 331 2.92 18.30 10.51
CA GLU A 331 2.18 19.12 9.50
C GLU A 331 3.19 19.92 8.66
N ALA A 332 4.33 20.33 9.23
CA ALA A 332 5.36 21.13 8.53
C ALA A 332 5.88 20.38 7.30
N TYR A 333 5.90 19.05 7.35
CA TYR A 333 6.41 18.17 6.27
C TYR A 333 5.24 17.55 5.48
N GLY A 334 4.08 18.22 5.50
CA GLY A 334 3.03 18.06 4.48
C GLY A 334 2.31 16.72 4.55
N ASN A 335 2.23 16.12 5.73
CA ASN A 335 1.72 14.73 5.87
C ASN A 335 0.19 14.71 5.79
N LEU A 336 -0.37 13.65 5.18
CA LEU A 336 -1.83 13.40 5.17
C LEU A 336 -2.21 12.54 6.38
N ASP A 337 -1.22 11.89 6.99
CA ASP A 337 -1.42 11.06 8.20
C ASP A 337 -0.25 11.33 9.14
N ILE A 338 -0.49 12.10 10.21
CA ILE A 338 0.60 12.55 11.12
C ILE A 338 0.91 11.41 12.09
N TYR A 339 0.21 10.28 12.00
CA TYR A 339 0.35 9.15 12.95
C TYR A 339 1.15 8.01 12.30
N GLN A 340 1.67 8.19 11.09
CA GLN A 340 2.57 7.21 10.44
C GLN A 340 4.01 7.62 10.71
N VAL A 341 4.93 6.65 10.66
CA VAL A 341 6.39 6.91 10.80
C VAL A 341 7.00 6.93 9.40
N ASN A 342 7.66 8.04 9.07
CA ASN A 342 8.23 8.24 7.71
C ASN A 342 9.66 7.71 7.73
N THR A 343 9.88 6.59 7.05
CA THR A 343 11.22 5.97 7.00
C THR A 343 11.21 4.88 5.93
N THR A 344 12.38 4.58 5.40
CA THR A 344 12.58 3.33 4.65
C THR A 344 12.67 2.21 5.68
N TYR A 345 12.32 1.01 5.25
CA TYR A 345 12.25 -0.13 6.19
C TYR A 345 13.67 -0.50 6.59
N TYR A 346 14.59 -0.48 5.65
CA TYR A 346 16.03 -0.77 5.90
C TYR A 346 16.54 0.19 6.96
N SER A 347 16.22 1.48 6.85
CA SER A 347 16.74 2.50 7.79
C SER A 347 16.01 2.38 9.14
N ALA A 348 14.78 1.89 9.15
CA ALA A 348 14.02 1.65 10.40
C ALA A 348 14.84 0.63 11.20
N LEU A 349 15.52 -0.28 10.52
CA LEU A 349 16.37 -1.34 11.16
C LEU A 349 17.83 -0.88 11.26
N GLY A 350 18.10 0.43 11.22
CA GLY A 350 19.47 0.97 11.34
C GLY A 350 20.38 0.47 10.22
N ASN A 351 19.81 0.21 9.04
CA ASN A 351 20.55 -0.25 7.84
C ASN A 351 21.28 -1.56 8.16
N ASP A 352 20.66 -2.39 9.01
CA ASP A 352 21.26 -3.68 9.37
C ASP A 352 20.88 -4.74 8.33
N ASP A 353 21.85 -5.18 7.55
CA ASP A 353 21.61 -6.17 6.46
C ASP A 353 20.97 -7.44 7.05
N ALA A 354 21.51 -7.98 8.14
CA ALA A 354 21.06 -9.28 8.63
C ALA A 354 19.59 -9.21 9.04
N ARG A 355 19.23 -8.19 9.82
CA ARG A 355 17.86 -8.12 10.38
C ARG A 355 16.89 -7.71 9.26
N TYR A 356 17.34 -6.89 8.30
CA TYR A 356 16.48 -6.53 7.14
C TYR A 356 16.15 -7.81 6.35
N LEU A 357 17.17 -8.64 6.08
CA LEU A 357 16.93 -9.92 5.38
C LEU A 357 16.00 -10.82 6.20
N MET A 358 16.22 -10.90 7.51
CA MET A 358 15.32 -11.69 8.37
C MET A 358 13.88 -11.19 8.25
N ALA A 359 13.66 -9.88 8.28
CA ALA A 359 12.31 -9.30 8.15
C ALA A 359 11.66 -9.79 6.83
N ARG A 360 12.43 -9.80 5.76
CA ARG A 360 11.94 -10.24 4.43
C ARG A 360 11.67 -11.74 4.45
N ALA A 361 12.52 -12.52 5.11
CA ALA A 361 12.31 -13.96 5.19
C ALA A 361 10.99 -14.23 5.90
N ILE A 362 10.77 -13.59 7.05
CA ILE A 362 9.50 -13.71 7.80
C ILE A 362 8.34 -13.36 6.86
N GLN A 363 8.47 -12.23 6.15
CA GLN A 363 7.39 -11.78 5.25
C GLN A 363 7.12 -12.85 4.19
N PHE A 364 8.18 -13.45 3.66
CA PHE A 364 8.02 -14.40 2.53
C PHE A 364 7.45 -15.74 3.01
N PHE A 365 7.66 -16.10 4.28
CA PHE A 365 7.06 -17.33 4.84
C PHE A 365 5.66 -17.07 5.38
N ALA A 366 5.31 -15.79 5.60
CA ALA A 366 3.98 -15.40 6.08
C ALA A 366 2.92 -15.79 5.06
N PRO A 367 1.64 -15.94 5.46
CA PRO A 367 0.60 -16.31 4.51
C PRO A 367 0.49 -15.27 3.39
N GLY A 368 -0.05 -15.73 2.25
CA GLY A 368 -0.42 -14.84 1.14
C GLY A 368 0.76 -14.48 0.29
N ILE A 369 0.66 -13.31 -0.34
CA ILE A 369 1.61 -12.88 -1.39
C ILE A 369 2.36 -11.67 -0.86
N PRO A 370 3.71 -11.74 -0.82
CA PRO A 370 4.47 -10.60 -0.37
C PRO A 370 4.57 -9.50 -1.43
N GLN A 371 4.38 -8.27 -0.98
CA GLN A 371 4.69 -7.06 -1.79
C GLN A 371 6.03 -6.52 -1.33
N VAL A 372 6.92 -6.20 -2.26
CA VAL A 372 8.23 -5.55 -1.93
C VAL A 372 8.21 -4.17 -2.54
N TYR A 373 8.33 -3.13 -1.74
CA TYR A 373 8.43 -1.76 -2.27
C TYR A 373 9.81 -1.57 -2.90
N TYR A 374 9.90 -0.77 -3.97
CA TYR A 374 11.15 -0.68 -4.75
C TYR A 374 12.32 -0.15 -3.90
N VAL A 375 12.07 0.75 -2.96
CA VAL A 375 13.18 1.28 -2.11
C VAL A 375 13.72 0.10 -1.29
N GLY A 376 12.82 -0.72 -0.74
CA GLY A 376 13.21 -1.94 -0.01
C GLY A 376 13.88 -2.96 -0.91
N LEU A 377 13.46 -3.06 -2.17
CA LEU A 377 14.11 -3.98 -3.13
C LEU A 377 15.60 -3.68 -3.21
N LEU A 378 15.97 -2.41 -3.15
CA LEU A 378 17.39 -1.98 -3.28
C LEU A 378 17.97 -1.61 -1.92
N ALA A 379 17.35 -2.08 -0.84
CA ALA A 379 17.84 -1.85 0.55
C ALA A 379 18.22 -0.38 0.66
N GLY A 380 17.27 0.49 0.32
CA GLY A 380 17.47 1.93 0.30
C GLY A 380 17.39 2.56 1.68
N GLU A 381 18.23 3.57 1.89
CA GLU A 381 18.32 4.35 3.13
C GLU A 381 17.47 5.61 3.04
N ASN A 382 17.14 6.17 4.19
CA ASN A 382 16.38 7.43 4.32
C ASN A 382 17.01 8.52 3.43
N ASP A 383 16.20 9.10 2.58
CA ASP A 383 16.66 10.12 1.61
C ASP A 383 16.35 11.50 2.18
N LEU A 384 17.23 12.03 3.01
CA LEU A 384 17.02 13.36 3.64
C LEU A 384 17.14 14.46 2.59
N GLU A 385 17.99 14.25 1.57
CA GLU A 385 18.19 15.22 0.46
C GLU A 385 16.85 15.48 -0.21
N LEU A 386 16.16 14.44 -0.64
CA LEU A 386 14.87 14.61 -1.33
C LEU A 386 13.85 15.21 -0.36
N LEU A 387 13.74 14.65 0.83
CA LEU A 387 12.78 15.09 1.87
C LEU A 387 12.92 16.60 2.12
N GLU A 388 14.15 17.08 2.24
CA GLU A 388 14.38 18.50 2.59
C GLU A 388 14.13 19.37 1.36
N ARG A 389 14.33 18.84 0.15
CA ARG A 389 14.07 19.62 -1.09
C ARG A 389 12.56 19.85 -1.23
N THR A 390 11.75 18.83 -0.99
CA THR A 390 10.28 18.88 -1.25
C THR A 390 9.50 19.28 -0.01
N ARG A 391 10.08 19.10 1.19
CA ARG A 391 9.40 19.30 2.49
C ARG A 391 8.18 18.38 2.57
N ASN A 392 8.28 17.19 1.98
CA ASN A 392 7.21 16.16 2.00
C ASN A 392 7.77 14.94 2.72
N GLY A 393 7.32 14.71 3.96
CA GLY A 393 7.91 13.71 4.87
C GLY A 393 8.04 12.35 4.20
N ARG A 394 7.02 11.95 3.46
CA ARG A 394 6.97 10.61 2.82
C ARG A 394 8.10 10.46 1.81
N ASP A 395 8.69 11.56 1.33
CA ASP A 395 9.76 11.49 0.30
C ASP A 395 11.03 10.89 0.89
N ILE A 396 11.15 10.79 2.21
CA ILE A 396 12.30 10.09 2.83
C ILE A 396 12.41 8.67 2.24
N ASN A 397 11.28 8.11 1.82
CA ASN A 397 11.15 6.70 1.37
C ASN A 397 10.69 6.70 -0.10
N ARG A 398 11.06 7.72 -0.88
CA ARG A 398 10.64 7.79 -2.31
C ARG A 398 11.81 8.26 -3.19
N HIS A 399 13.03 7.86 -2.87
CA HIS A 399 14.21 8.11 -3.72
C HIS A 399 13.90 7.68 -5.16
N GLY A 400 14.28 8.50 -6.11
CA GLY A 400 14.23 8.10 -7.52
C GLY A 400 15.55 7.50 -7.98
N TYR A 401 15.56 6.23 -8.34
CA TYR A 401 16.78 5.55 -8.81
C TYR A 401 16.93 5.71 -10.32
N SER A 402 18.10 6.11 -10.76
CA SER A 402 18.48 5.99 -12.19
C SER A 402 18.78 4.52 -12.48
N LEU A 403 18.80 4.12 -13.73
CA LEU A 403 19.27 2.76 -14.12
C LEU A 403 20.71 2.55 -13.62
N GLU A 404 21.55 3.59 -13.65
CA GLU A 404 22.96 3.54 -13.17
C GLU A 404 22.96 3.18 -11.69
N GLU A 405 22.09 3.81 -10.90
CA GLU A 405 22.07 3.61 -9.43
C GLU A 405 21.51 2.21 -9.13
N ILE A 406 20.53 1.74 -9.90
CA ILE A 406 20.02 0.35 -9.70
C ILE A 406 21.19 -0.60 -9.93
N GLU A 407 21.93 -0.41 -11.01
CA GLU A 407 23.08 -1.26 -11.36
C GLU A 407 24.12 -1.21 -10.24
N GLU A 408 24.42 -0.02 -9.71
CA GLU A 408 25.48 0.17 -8.69
C GLU A 408 25.10 -0.62 -7.44
N ASN A 409 23.81 -0.73 -7.16
CA ASN A 409 23.31 -1.44 -5.97
C ASN A 409 23.43 -2.95 -6.13
N GLN A 410 23.63 -3.48 -7.34
CA GLN A 410 23.62 -4.95 -7.55
C GLN A 410 24.84 -5.61 -6.89
N LYS A 411 25.91 -4.86 -6.62
CA LYS A 411 27.14 -5.44 -5.99
C LYS A 411 26.91 -5.67 -4.50
N ARG A 412 25.87 -5.07 -3.88
CA ARG A 412 25.68 -5.16 -2.42
C ARG A 412 25.17 -6.55 -2.07
N PRO A 413 25.86 -7.26 -1.16
CA PRO A 413 25.36 -8.56 -0.73
C PRO A 413 23.89 -8.52 -0.31
N VAL A 414 23.45 -7.49 0.41
CA VAL A 414 22.06 -7.47 0.94
C VAL A 414 21.07 -7.42 -0.24
N VAL A 415 21.42 -6.70 -1.31
CA VAL A 415 20.56 -6.60 -2.52
C VAL A 415 20.54 -7.96 -3.24
N GLN A 416 21.70 -8.60 -3.35
N GLN A 416 21.68 -8.63 -3.35
CA GLN A 416 21.82 -9.96 -3.94
CA GLN A 416 21.75 -9.97 -3.99
C GLN A 416 21.00 -10.94 -3.10
C GLN A 416 20.99 -10.97 -3.11
N ASP A 417 21.13 -10.87 -1.78
CA ASP A 417 20.47 -11.85 -0.90
C ASP A 417 18.95 -11.67 -0.94
N LEU A 418 18.47 -10.43 -0.95
CA LEU A 418 17.01 -10.21 -1.04
C LEU A 418 16.53 -10.75 -2.39
N LYS A 419 17.30 -10.54 -3.46
CA LYS A 419 16.86 -11.08 -4.77
C LYS A 419 16.79 -12.61 -4.69
N TRP A 420 17.76 -13.23 -4.02
CA TRP A 420 17.78 -14.70 -3.88
C TRP A 420 16.53 -15.16 -3.14
N LEU A 421 16.16 -14.47 -2.06
CA LEU A 421 14.96 -14.83 -1.26
C LEU A 421 13.70 -14.70 -2.13
N MET A 422 13.63 -13.66 -2.95
CA MET A 422 12.46 -13.46 -3.85
C MET A 422 12.38 -14.58 -4.88
N GLU A 423 13.53 -14.96 -5.43
CA GLU A 423 13.58 -16.08 -6.41
C GLU A 423 13.16 -17.37 -5.73
N LEU A 424 13.61 -17.62 -4.50
CA LEU A 424 13.17 -18.81 -3.73
C LEU A 424 11.65 -18.77 -3.52
N ARG A 425 11.14 -17.62 -3.06
CA ARG A 425 9.69 -17.47 -2.80
C ARG A 425 8.89 -17.76 -4.07
N ASN A 426 9.45 -17.43 -5.24
CA ASN A 426 8.74 -17.57 -6.53
C ASN A 426 8.87 -18.98 -7.11
N SER A 427 9.82 -19.78 -6.64
CA SER A 427 10.14 -21.11 -7.24
C SER A 427 9.80 -22.28 -6.31
N HIS A 428 9.99 -22.14 -5.00
CA HIS A 428 9.89 -23.33 -4.12
C HIS A 428 8.43 -23.70 -3.89
N PRO A 429 8.04 -24.96 -4.11
CA PRO A 429 6.63 -25.35 -4.01
C PRO A 429 6.01 -25.21 -2.61
N ALA A 430 6.81 -25.17 -1.55
CA ALA A 430 6.28 -25.03 -0.18
C ALA A 430 5.55 -23.70 -0.01
N PHE A 431 5.74 -22.71 -0.89
CA PHE A 431 5.12 -21.38 -0.73
C PHE A 431 3.72 -21.31 -1.39
N ASP A 432 3.20 -22.46 -1.84
CA ASP A 432 1.78 -22.67 -2.23
C ASP A 432 0.85 -21.71 -1.47
N LEU A 433 0.10 -20.86 -2.18
CA LEU A 433 -0.82 -19.90 -1.51
C LEU A 433 -1.81 -20.65 -0.61
N GLU A 434 -2.17 -21.89 -0.98
CA GLU A 434 -3.16 -22.72 -0.25
C GLU A 434 -2.49 -23.52 0.88
N GLY A 435 -1.17 -23.50 0.97
CA GLY A 435 -0.44 -24.34 1.93
C GLY A 435 -0.58 -23.84 3.35
N ASP A 436 -0.22 -24.70 4.29
CA ASP A 436 -0.34 -24.36 5.73
C ASP A 436 0.96 -23.72 6.23
N LEU A 437 0.79 -22.90 7.27
CA LEU A 437 1.89 -22.30 8.05
C LEU A 437 1.72 -22.75 9.48
N ASP A 438 2.76 -23.33 10.04
CA ASP A 438 2.88 -23.63 11.47
C ASP A 438 3.89 -22.63 12.03
N VAL A 439 3.49 -21.86 13.04
CA VAL A 439 4.36 -20.84 13.67
C VAL A 439 4.60 -21.22 15.12
N ALA A 440 5.85 -21.12 15.55
CA ALA A 440 6.24 -21.28 16.97
C ALA A 440 7.17 -20.14 17.37
N SER A 441 6.94 -19.59 18.55
CA SER A 441 7.80 -18.56 19.17
C SER A 441 8.32 -19.13 20.49
N GLU A 442 9.64 -19.29 20.62
CA GLU A 442 10.25 -19.78 21.90
C GLU A 442 11.75 -19.54 21.90
N ASP A 443 12.29 -19.23 23.08
CA ASP A 443 13.75 -19.05 23.35
C ASP A 443 14.38 -18.06 22.36
N GLY A 444 13.67 -16.97 22.01
CA GLY A 444 14.13 -15.91 21.11
C GLY A 444 14.13 -16.36 19.65
N HIS A 445 13.52 -17.50 19.34
CA HIS A 445 13.37 -17.99 17.95
C HIS A 445 11.93 -17.81 17.48
N LEU A 446 11.79 -17.56 16.20
CA LEU A 446 10.49 -17.64 15.50
C LEU A 446 10.66 -18.68 14.40
N ARG A 447 9.89 -19.77 14.49
CA ARG A 447 9.96 -20.88 13.52
C ARG A 447 8.69 -20.83 12.69
N MET A 448 8.87 -20.83 11.39
CA MET A 448 7.73 -20.78 10.43
C MET A 448 7.91 -21.94 9.45
N LEU A 449 7.04 -22.93 9.56
CA LEU A 449 7.06 -24.12 8.70
C LEU A 449 5.96 -24.00 7.67
N ARG A 450 6.34 -23.97 6.40
CA ARG A 450 5.38 -23.89 5.27
C ARG A 450 5.27 -25.30 4.69
N ARG A 451 4.05 -25.83 4.65
CA ARG A 451 3.79 -27.19 4.13
C ARG A 451 2.83 -27.12 2.96
N SER A 452 3.04 -28.01 2.01
CA SER A 452 2.13 -28.19 0.86
C SER A 452 2.29 -29.62 0.40
N GLY A 453 1.33 -30.48 0.72
CA GLY A 453 1.49 -31.94 0.55
C GLY A 453 2.72 -32.41 1.32
N ASP A 454 3.67 -33.04 0.63
CA ASP A 454 4.90 -33.57 1.29
C ASP A 454 5.98 -32.48 1.31
N GLU A 455 5.72 -31.30 0.77
CA GLU A 455 6.67 -30.17 0.85
C GLU A 455 6.63 -29.61 2.27
N ALA A 456 7.79 -29.26 2.79
CA ALA A 456 7.94 -28.79 4.18
C ALA A 456 9.21 -27.96 4.22
N LEU A 457 9.06 -26.66 4.27
CA LEU A 457 10.17 -25.69 4.23
C LEU A 457 10.12 -24.88 5.50
N GLU A 458 11.18 -24.94 6.31
CA GLU A 458 11.18 -24.33 7.65
C GLU A 458 12.12 -23.13 7.67
N LEU A 459 11.58 -21.98 8.04
CA LEU A 459 12.39 -20.81 8.39
C LEU A 459 12.58 -20.84 9.91
N ASP A 460 13.82 -20.73 10.36
CA ASP A 460 14.11 -20.63 11.81
C ASP A 460 14.87 -19.33 12.05
N CYS A 461 14.19 -18.34 12.60
CA CYS A 461 14.76 -17.00 12.87
C CYS A 461 15.25 -16.95 14.31
N ASP A 462 16.54 -16.68 14.49
CA ASP A 462 17.08 -16.28 15.81
C ASP A 462 16.89 -14.77 15.89
N LEU A 463 15.83 -14.32 16.57
CA LEU A 463 15.49 -12.88 16.64
C LEU A 463 16.58 -12.13 17.41
N VAL A 464 17.30 -12.83 18.29
CA VAL A 464 18.36 -12.21 19.11
C VAL A 464 19.60 -12.00 18.24
N SER A 465 20.08 -13.04 17.55
CA SER A 465 21.36 -12.98 16.81
C SER A 465 21.16 -12.30 15.45
N GLY A 466 19.94 -12.28 14.91
CA GLY A 466 19.63 -11.75 13.57
C GLY A 466 20.00 -12.74 12.46
N ARG A 467 20.28 -13.99 12.81
CA ARG A 467 20.61 -15.06 11.83
C ARG A 467 19.41 -15.99 11.67
N PHE A 468 19.13 -16.40 10.43
CA PHE A 468 18.08 -17.40 10.18
C PHE A 468 18.63 -18.54 9.31
N THR A 469 17.91 -19.64 9.34
CA THR A 469 18.18 -20.80 8.47
C THR A 469 16.89 -21.13 7.73
N ILE A 470 17.05 -21.65 6.53
CA ILE A 470 15.94 -22.23 5.75
C ILE A 470 16.32 -23.68 5.47
N GLU A 471 15.47 -24.60 5.89
CA GLU A 471 15.68 -26.06 5.75
C GLU A 471 14.54 -26.64 4.92
N ASP A 472 14.89 -27.29 3.82
CA ASP A 472 13.94 -28.10 3.03
C ASP A 472 13.87 -29.47 3.72
N LYS A 473 12.81 -29.71 4.49
CA LYS A 473 12.67 -30.93 5.33
C LYS A 473 12.34 -32.11 4.40
N LYS A 474 11.66 -31.86 3.28
CA LYS A 474 11.34 -32.95 2.31
C LYS A 474 12.64 -33.48 1.70
N ARG A 475 13.49 -32.58 1.21
CA ARG A 475 14.71 -32.95 0.43
C ARG A 475 15.92 -33.06 1.37
N GLY A 476 15.77 -32.73 2.65
CA GLY A 476 16.81 -32.91 3.67
C GLY A 476 18.02 -32.02 3.44
N ASN A 477 17.81 -30.78 3.06
CA ASN A 477 18.94 -29.88 2.70
C ASN A 477 18.68 -28.47 3.20
N ARG A 478 19.72 -27.84 3.74
N ARG A 478 19.71 -27.85 3.76
CA ARG A 478 19.69 -26.42 4.19
CA ARG A 478 19.68 -26.43 4.18
C ARG A 478 19.85 -25.55 2.95
C ARG A 478 19.83 -25.58 2.92
N LEU A 479 18.94 -24.60 2.74
CA LEU A 479 18.95 -23.71 1.56
C LEU A 479 19.61 -22.38 1.92
N TRP A 480 19.51 -21.97 3.17
CA TRP A 480 20.10 -20.69 3.67
C TRP A 480 20.64 -20.93 5.08
N PRO A 481 21.87 -20.49 5.43
CA PRO A 481 22.77 -19.77 4.53
C PRO A 481 23.24 -20.58 3.33
N TYR A 482 23.51 -19.87 2.21
CA TYR A 482 24.00 -20.37 0.90
C TYR A 482 25.39 -19.75 0.64
C TRS B . -4.08 8.22 -0.28
C1 TRS B . -5.12 7.44 0.52
C2 TRS B . -4.78 9.25 -1.15
C3 TRS B . -3.11 8.94 0.63
N TRS B . -3.33 7.24 -1.15
O1 TRS B . -4.57 6.30 1.15
O2 TRS B . -5.26 8.70 -2.36
O3 TRS B . -1.95 9.42 -0.05
H11 TRS B . -5.85 7.17 -0.08
H12 TRS B . -5.51 8.03 1.20
H21 TRS B . -4.16 9.98 -1.35
H22 TRS B . -5.54 9.62 -0.65
H31 TRS B . -2.83 8.33 1.35
H32 TRS B . -3.56 9.71 1.06
HN1 TRS B . -2.44 7.24 -0.94
HN2 TRS B . -3.41 7.47 -2.02
HN3 TRS B . -3.64 6.41 -1.04
HO1 TRS B . -5.19 5.91 1.57
HO2 TRS B . -5.64 9.31 -2.80
HO3 TRS B . -2.10 9.42 -0.88
#